data_7X2J
#
_entry.id   7X2J
#
_cell.length_a   108.413
_cell.length_b   108.413
_cell.length_c   94.119
_cell.angle_alpha   90.00
_cell.angle_beta   90.00
_cell.angle_gamma   120.00
#
_symmetry.space_group_name_H-M   'P 31 2 1'
#
loop_
_entity.id
_entity.type
_entity.pdbx_description
1 polymer 'Spike protein S1'
2 polymer Nb70
3 non-polymer 2-acetamido-2-deoxy-beta-D-glucopyranose
4 water water
#
loop_
_entity_poly.entity_id
_entity_poly.type
_entity_poly.pdbx_seq_one_letter_code
_entity_poly.pdbx_strand_id
1 'polypeptide(L)'
;RVVPSGDVVRFPNITNLCPFGEVFNATKFPSVYAWERKKISNCVADYSVLYNSTFFSTFKCYGVSATKLNDLCFSNVYAD
SFVVKGDDVRQIAPGQTGVIADYNYKLPDDFMGCVLAWNTRNIDATSTGNYNYKYRYLRHGKLRPFERDISNVPFSPDGK
PCTPPALNCYWPLNDYGFYTTTGIGYQPYRVVVLSFELLNAPATVCGPKLS
;
S
2 'polypeptide(L)'
;QVQLVESGGGLVQAGGSLRLSCVASGRTFSRYAMGWFRQAPGKEREFVAVIEWDGGTSYYVDSVKGRFTISRDNAKNTVY
LQMNSLKPEDTAVYYCAAGGNQYYSATYSIWNEYDFWGQGTQVTVSS
;
B
#
# COMPACT_ATOMS: atom_id res chain seq x y z
N ASN A 16 29.18 10.65 0.71
CA ASN A 16 28.27 11.08 1.78
C ASN A 16 26.99 10.27 1.77
N LEU A 17 26.70 9.59 2.86
CA LEU A 17 25.54 8.71 2.92
C LEU A 17 24.27 9.52 3.11
N CYS A 18 23.19 9.04 2.51
CA CYS A 18 21.91 9.66 2.73
C CYS A 18 21.47 9.47 4.18
N PRO A 19 20.88 10.49 4.79
CA PRO A 19 20.58 10.47 6.23
C PRO A 19 19.28 9.76 6.57
N PHE A 20 19.15 8.49 6.15
CA PHE A 20 17.94 7.75 6.46
C PHE A 20 17.83 7.47 7.96
N GLY A 21 18.96 7.23 8.63
CA GLY A 21 18.95 7.06 10.07
C GLY A 21 18.22 8.19 10.77
N GLU A 22 18.54 9.43 10.41
CA GLU A 22 17.86 10.56 11.02
C GLU A 22 16.35 10.43 10.87
N VAL A 23 15.90 9.85 9.76
CA VAL A 23 14.47 9.70 9.51
C VAL A 23 13.90 8.52 10.31
N PHE A 24 14.41 7.32 10.06
CA PHE A 24 13.78 6.14 10.63
C PHE A 24 14.00 6.03 12.13
N ASN A 25 15.06 6.63 12.67
CA ASN A 25 15.43 6.51 14.07
C ASN A 25 15.17 7.79 14.86
N ALA A 26 14.48 8.76 14.28
CA ALA A 26 14.09 9.96 15.02
C ALA A 26 13.40 9.58 16.33
N THR A 27 13.78 10.23 17.42
CA THR A 27 13.21 9.89 18.72
C THR A 27 11.70 10.10 18.73
N LYS A 28 11.24 11.23 18.20
CA LYS A 28 9.83 11.56 18.13
C LYS A 28 9.34 11.55 16.68
N PHE A 29 8.10 11.11 16.51
CA PHE A 29 7.39 11.16 15.25
C PHE A 29 6.17 12.06 15.37
N PRO A 30 5.76 12.71 14.28
CA PRO A 30 4.60 13.61 14.34
C PRO A 30 3.28 12.87 14.17
N SER A 31 2.19 13.57 14.49
CA SER A 31 0.85 13.14 14.12
C SER A 31 0.65 13.19 12.60
N VAL A 32 -0.26 12.33 12.09
CA VAL A 32 -0.50 12.24 10.64
C VAL A 32 -0.91 13.58 10.08
N TYR A 33 -1.80 14.28 10.77
CA TYR A 33 -2.34 15.50 10.17
C TYR A 33 -1.26 16.55 10.06
N ALA A 34 -0.23 16.47 10.91
CA ALA A 34 0.92 17.35 10.86
C ALA A 34 2.15 16.62 10.35
N TRP A 35 1.98 15.78 9.33
CA TRP A 35 3.06 14.94 8.86
C TRP A 35 4.26 15.77 8.42
N GLU A 36 5.45 15.19 8.54
CA GLU A 36 6.68 15.92 8.27
C GLU A 36 7.47 15.27 7.14
N ARG A 37 8.05 16.14 6.30
CA ARG A 37 8.79 15.76 5.11
C ARG A 37 10.25 16.17 5.27
N LYS A 38 11.16 15.25 4.98
CA LYS A 38 12.57 15.57 4.82
C LYS A 38 12.98 15.27 3.38
N LYS A 39 13.63 16.23 2.75
CA LYS A 39 14.18 16.04 1.41
C LYS A 39 15.53 15.33 1.53
N ILE A 40 15.67 14.20 0.84
CA ILE A 40 16.93 13.48 0.74
C ILE A 40 17.46 13.72 -0.66
N SER A 41 18.67 14.27 -0.74
CA SER A 41 19.18 14.64 -2.06
C SER A 41 20.69 14.69 -2.01
N ASN A 42 21.31 14.58 -3.19
CA ASN A 42 22.76 14.74 -3.33
C ASN A 42 23.54 13.84 -2.37
N CYS A 43 23.26 12.53 -2.41
CA CYS A 43 23.86 11.63 -1.44
C CYS A 43 23.75 10.19 -1.96
N VAL A 44 24.52 9.30 -1.34
CA VAL A 44 24.48 7.88 -1.66
C VAL A 44 23.49 7.18 -0.73
N ALA A 45 22.48 6.54 -1.32
CA ALA A 45 21.46 5.83 -0.58
C ALA A 45 21.87 4.36 -0.43
N ASP A 46 22.18 3.96 0.81
CA ASP A 46 22.39 2.55 1.13
C ASP A 46 21.11 2.00 1.76
N TYR A 47 20.24 1.45 0.92
CA TYR A 47 18.95 0.92 1.36
C TYR A 47 19.07 -0.38 2.14
N SER A 48 20.25 -1.00 2.15
CA SER A 48 20.44 -2.20 2.96
C SER A 48 20.12 -1.93 4.42
N VAL A 49 20.27 -0.68 4.87
CA VAL A 49 19.85 -0.32 6.22
C VAL A 49 18.40 -0.69 6.49
N LEU A 50 17.56 -0.68 5.46
CA LEU A 50 16.18 -1.14 5.59
C LEU A 50 16.05 -2.63 5.30
N TYR A 51 16.97 -3.19 4.53
CA TYR A 51 16.99 -4.63 4.31
C TYR A 51 17.46 -5.36 5.56
N ASN A 52 18.56 -4.87 6.16
CA ASN A 52 19.21 -5.52 7.29
C ASN A 52 18.51 -5.26 8.61
N SER A 53 17.59 -4.28 8.67
CA SER A 53 16.61 -4.21 9.75
C SER A 53 15.38 -5.01 9.33
N THR A 54 14.96 -5.93 10.19
CA THR A 54 13.87 -6.85 9.86
C THR A 54 12.68 -6.63 10.80
N PHE A 55 12.41 -5.38 11.16
CA PHE A 55 11.27 -5.08 11.99
C PHE A 55 10.12 -4.45 11.22
N PHE A 56 10.21 -4.36 9.90
CA PHE A 56 9.18 -3.67 9.13
C PHE A 56 7.99 -4.59 8.92
N SER A 57 6.80 -4.13 9.33
CA SER A 57 5.57 -4.88 9.07
C SER A 57 4.87 -4.44 7.79
N THR A 58 5.17 -3.24 7.30
CA THR A 58 4.86 -2.83 5.93
C THR A 58 6.16 -2.43 5.23
N PHE A 59 6.32 -2.89 3.99
CA PHE A 59 7.49 -2.59 3.16
C PHE A 59 7.17 -2.95 1.72
N LYS A 60 6.74 -1.96 0.93
CA LYS A 60 6.22 -2.25 -0.40
C LYS A 60 6.43 -1.02 -1.25
N CYS A 61 6.58 -1.23 -2.55
CA CYS A 61 6.90 -0.13 -3.45
C CYS A 61 6.02 -0.15 -4.69
N TYR A 62 5.87 1.03 -5.28
CA TYR A 62 5.02 1.26 -6.44
C TYR A 62 5.91 1.73 -7.59
N GLY A 63 5.88 0.99 -8.70
CA GLY A 63 6.68 1.27 -9.88
C GLY A 63 8.12 0.85 -9.77
N VAL A 64 8.44 0.00 -8.81
CA VAL A 64 9.80 -0.23 -8.37
C VAL A 64 9.76 -1.53 -7.58
N SER A 65 10.72 -2.39 -7.82
CA SER A 65 10.78 -3.61 -7.04
C SER A 65 11.49 -3.34 -5.71
N ALA A 66 10.81 -3.70 -4.60
CA ALA A 66 11.30 -3.34 -3.28
C ALA A 66 12.72 -3.84 -3.05
N THR A 67 13.06 -5.00 -3.58
CA THR A 67 14.34 -5.62 -3.32
C THR A 67 15.47 -5.06 -4.19
N LYS A 68 15.14 -4.21 -5.18
CA LYS A 68 16.09 -3.72 -6.17
C LYS A 68 16.46 -2.26 -5.97
N LEU A 69 16.17 -1.68 -4.81
CA LEU A 69 16.37 -0.25 -4.62
C LEU A 69 17.83 0.15 -4.68
N ASN A 70 18.75 -0.71 -4.23
CA ASN A 70 20.15 -0.34 -4.30
C ASN A 70 20.64 -0.22 -5.74
N ASP A 71 19.90 -0.75 -6.73
CA ASP A 71 20.29 -0.67 -8.14
C ASP A 71 19.73 0.54 -8.88
N LEU A 72 19.09 1.48 -8.19
CA LEU A 72 18.38 2.55 -8.88
C LEU A 72 18.93 3.92 -8.47
N CYS A 73 18.73 4.89 -9.35
CA CYS A 73 18.99 6.31 -9.09
C CYS A 73 17.70 7.08 -9.19
N PHE A 74 17.59 8.12 -8.37
CA PHE A 74 16.41 8.98 -8.41
C PHE A 74 16.86 10.43 -8.45
N SER A 75 16.00 11.28 -9.00
CA SER A 75 16.28 12.71 -9.03
C SER A 75 16.37 13.26 -7.62
N ASN A 76 15.40 12.91 -6.77
CA ASN A 76 15.32 13.30 -5.38
C ASN A 76 14.46 12.27 -4.66
N VAL A 77 14.72 12.10 -3.36
CA VAL A 77 13.92 11.25 -2.50
C VAL A 77 13.31 12.12 -1.41
N TYR A 78 12.03 11.94 -1.16
CA TYR A 78 11.34 12.62 -0.05
C TYR A 78 10.88 11.58 0.97
N ALA A 79 11.14 11.88 2.25
CA ALA A 79 10.78 11.03 3.36
C ALA A 79 9.70 11.73 4.18
N ASP A 80 8.52 11.14 4.23
CA ASP A 80 7.45 11.66 5.07
C ASP A 80 7.26 10.72 6.25
N SER A 81 7.28 11.28 7.46
CA SER A 81 7.10 10.54 8.70
C SER A 81 5.80 10.94 9.41
N PHE A 82 5.19 9.97 10.07
CA PHE A 82 3.98 10.19 10.85
C PHE A 82 3.63 8.87 11.53
N VAL A 83 2.64 8.92 12.43
CA VAL A 83 2.18 7.77 13.19
C VAL A 83 0.71 7.55 12.87
N VAL A 84 0.31 6.29 12.68
CA VAL A 84 -1.11 5.97 12.58
C VAL A 84 -1.42 4.70 13.34
N LYS A 85 -2.72 4.47 13.49
CA LYS A 85 -3.26 3.22 14.01
C LYS A 85 -2.89 2.06 13.08
N GLY A 86 -2.73 0.86 13.64
CA GLY A 86 -2.38 -0.29 12.81
C GLY A 86 -3.33 -0.51 11.64
N ASP A 87 -4.64 -0.47 11.92
CA ASP A 87 -5.69 -0.61 10.90
C ASP A 87 -5.76 0.55 9.92
N ASP A 88 -5.04 1.66 10.18
CA ASP A 88 -4.99 2.79 9.25
C ASP A 88 -3.79 2.73 8.29
N VAL A 89 -2.76 1.92 8.59
CA VAL A 89 -1.61 1.81 7.69
C VAL A 89 -2.06 1.60 6.24
N ARG A 90 -3.07 0.75 6.01
CA ARG A 90 -3.51 0.45 4.65
C ARG A 90 -3.99 1.67 3.89
N GLN A 91 -4.37 2.74 4.59
CA GLN A 91 -4.76 3.95 3.87
C GLN A 91 -3.58 4.70 3.29
N ILE A 92 -2.35 4.37 3.70
CA ILE A 92 -1.17 5.01 3.13
C ILE A 92 -0.79 4.29 1.85
N ALA A 93 -1.56 4.53 0.80
CA ALA A 93 -1.34 3.92 -0.51
C ALA A 93 -2.03 4.80 -1.53
N PRO A 94 -1.68 4.66 -2.81
CA PRO A 94 -2.38 5.43 -3.84
C PRO A 94 -3.85 5.01 -3.92
N GLY A 95 -4.71 6.00 -4.19
CA GLY A 95 -6.11 5.75 -4.46
C GLY A 95 -6.94 5.26 -3.28
N GLN A 96 -6.43 5.32 -2.07
CA GLN A 96 -7.23 4.89 -0.93
C GLN A 96 -8.22 5.98 -0.53
N THR A 97 -9.32 5.56 0.08
CA THR A 97 -10.28 6.48 0.67
C THR A 97 -10.38 6.24 2.17
N GLY A 98 -11.04 7.15 2.86
CA GLY A 98 -11.05 7.17 4.31
C GLY A 98 -10.46 8.46 4.86
N VAL A 99 -10.66 8.64 6.17
CA VAL A 99 -10.37 9.94 6.75
C VAL A 99 -8.88 10.20 6.80
N ILE A 100 -8.06 9.16 6.98
CA ILE A 100 -6.62 9.41 6.90
C ILE A 100 -6.23 9.84 5.50
N ALA A 101 -6.64 9.07 4.49
CA ALA A 101 -6.20 9.33 3.13
C ALA A 101 -6.89 10.56 2.52
N ASP A 102 -8.07 10.92 3.02
CA ASP A 102 -8.80 12.05 2.46
C ASP A 102 -8.59 13.35 3.23
N TYR A 103 -8.20 13.29 4.52
CA TYR A 103 -8.08 14.49 5.34
C TYR A 103 -6.72 14.71 6.00
N ASN A 104 -5.79 13.76 5.89
CA ASN A 104 -4.49 13.87 6.57
C ASN A 104 -3.33 13.70 5.59
N TYR A 105 -3.26 12.55 4.91
CA TYR A 105 -2.13 12.27 4.03
C TYR A 105 -2.59 11.53 2.79
N LYS A 106 -2.44 12.14 1.63
CA LYS A 106 -2.86 11.56 0.36
C LYS A 106 -1.68 11.41 -0.58
N LEU A 107 -1.49 10.21 -1.09
CA LEU A 107 -0.54 9.87 -2.14
C LEU A 107 -1.18 10.04 -3.51
N PRO A 108 -0.40 10.43 -4.52
CA PRO A 108 -0.97 10.58 -5.86
C PRO A 108 -1.29 9.24 -6.49
N ASP A 109 -2.26 9.25 -7.41
CA ASP A 109 -2.56 8.07 -8.21
C ASP A 109 -1.29 7.45 -8.79
N ASP A 110 -0.40 8.27 -9.33
CA ASP A 110 0.80 7.76 -10.00
C ASP A 110 2.01 7.74 -9.07
N PHE A 111 1.79 7.59 -7.76
CA PHE A 111 2.87 7.48 -6.81
C PHE A 111 3.98 6.56 -7.30
N MET A 112 5.23 7.01 -7.13
CA MET A 112 6.38 6.15 -7.30
C MET A 112 7.20 6.23 -6.03
N GLY A 113 7.37 5.11 -5.34
CA GLY A 113 8.07 5.12 -4.07
C GLY A 113 7.69 3.91 -3.24
N CYS A 114 7.97 4.02 -1.94
CA CYS A 114 7.78 2.92 -1.02
C CYS A 114 7.08 3.39 0.24
N VAL A 115 6.37 2.46 0.87
CA VAL A 115 5.73 2.68 2.16
C VAL A 115 6.35 1.69 3.13
N LEU A 116 6.91 2.21 4.22
CA LEU A 116 7.45 1.41 5.30
C LEU A 116 6.70 1.71 6.60
N ALA A 117 6.47 0.68 7.42
CA ALA A 117 5.80 0.89 8.70
C ALA A 117 6.30 -0.16 9.68
N TRP A 118 6.34 0.22 10.96
CA TRP A 118 6.67 -0.74 11.99
C TRP A 118 5.90 -0.47 13.27
N ASN A 119 5.60 -1.56 13.97
CA ASN A 119 4.87 -1.52 15.22
C ASN A 119 5.72 -0.84 16.29
N THR A 120 5.13 0.15 16.97
CA THR A 120 5.86 0.89 17.99
C THR A 120 5.11 0.88 19.33
N ARG A 121 4.36 -0.19 19.60
CA ARG A 121 3.70 -0.36 20.90
C ARG A 121 4.65 -0.05 22.06
N ASN A 122 5.88 -0.54 22.01
CA ASN A 122 6.78 -0.38 23.16
C ASN A 122 7.34 1.03 23.31
N ILE A 123 7.07 1.98 22.42
CA ILE A 123 7.57 3.34 22.66
C ILE A 123 6.47 4.37 22.41
N ASP A 124 5.39 3.97 21.75
CA ASP A 124 4.31 4.90 21.45
C ASP A 124 3.03 4.62 22.22
N ALA A 125 2.93 3.48 22.89
CA ALA A 125 1.74 3.13 23.65
C ALA A 125 2.08 3.05 25.13
N THR A 126 1.03 3.03 25.95
CA THR A 126 1.19 3.18 27.39
C THR A 126 0.07 2.42 28.09
N SER A 127 0.35 2.01 29.33
CA SER A 127 -0.69 1.38 30.16
C SER A 127 -1.90 2.31 30.29
N THR A 128 -1.64 3.55 30.70
CA THR A 128 -2.72 4.54 30.85
C THR A 128 -3.29 4.96 29.49
N GLY A 129 -2.44 5.03 28.46
CA GLY A 129 -2.95 5.47 27.16
C GLY A 129 -2.22 6.74 26.73
N ASN A 130 -1.70 6.70 25.52
CA ASN A 130 -1.01 7.83 24.91
C ASN A 130 -1.99 8.50 23.94
N TYR A 131 -2.15 9.81 24.11
CA TYR A 131 -3.10 10.60 23.34
C TYR A 131 -2.42 11.76 22.63
N ASN A 132 -1.08 11.76 22.55
CA ASN A 132 -0.38 12.82 21.83
C ASN A 132 -0.59 12.76 20.31
N TYR A 133 -0.96 11.61 19.76
CA TYR A 133 -1.06 11.46 18.32
C TYR A 133 -2.51 11.68 17.90
N LYS A 134 -2.69 12.51 16.88
CA LYS A 134 -4.00 13.01 16.48
C LYS A 134 -4.17 12.85 14.96
N TYR A 135 -5.43 12.89 14.53
CA TYR A 135 -5.75 12.88 13.11
C TYR A 135 -6.94 13.80 12.91
N ARG A 136 -7.08 14.31 11.68
CA ARG A 136 -8.24 15.12 11.32
C ARG A 136 -9.34 14.20 10.86
N TYR A 137 -10.57 14.46 11.34
CA TYR A 137 -11.72 13.68 10.89
C TYR A 137 -12.86 14.53 10.33
N LEU A 138 -12.80 15.85 10.44
CA LEU A 138 -13.78 16.74 9.82
C LEU A 138 -13.06 17.72 8.90
N ARG A 139 -13.57 17.85 7.67
CA ARG A 139 -12.95 18.77 6.74
C ARG A 139 -13.91 19.06 5.60
N HIS A 140 -13.83 20.27 5.06
CA HIS A 140 -14.59 20.65 3.87
C HIS A 140 -13.73 20.35 2.65
N GLY A 141 -13.88 19.16 2.09
CA GLY A 141 -13.19 18.77 0.88
C GLY A 141 -11.91 17.99 1.15
N LYS A 142 -11.60 17.05 0.24
CA LYS A 142 -10.46 16.18 0.41
C LYS A 142 -9.16 16.92 0.14
N LEU A 143 -8.08 16.43 0.74
CA LEU A 143 -6.76 16.99 0.45
C LEU A 143 -6.32 16.63 -0.96
N ARG A 144 -5.53 17.50 -1.57
CA ARG A 144 -4.87 17.12 -2.79
C ARG A 144 -3.59 16.34 -2.45
N PRO A 145 -3.09 15.53 -3.39
CA PRO A 145 -1.93 14.67 -3.08
C PRO A 145 -0.77 15.46 -2.50
N PHE A 146 -0.20 14.95 -1.40
CA PHE A 146 0.91 15.54 -0.67
C PHE A 146 0.57 16.89 -0.04
N GLU A 147 -0.71 17.25 0.03
CA GLU A 147 -1.10 18.46 0.71
C GLU A 147 -1.23 18.21 2.21
N ARG A 148 -1.02 19.26 3.00
CA ARG A 148 -0.98 19.16 4.45
C ARG A 148 -1.82 20.27 5.05
N ASP A 149 -2.69 19.91 6.02
CA ASP A 149 -3.57 20.85 6.71
C ASP A 149 -3.35 20.71 8.23
N ILE A 150 -2.75 21.72 8.85
CA ILE A 150 -2.44 21.70 10.27
C ILE A 150 -3.27 22.71 11.04
N SER A 151 -4.33 23.26 10.43
CA SER A 151 -5.20 24.19 11.14
C SER A 151 -6.07 23.44 12.15
N ASN A 152 -6.56 24.20 13.15
CA ASN A 152 -7.43 23.68 14.21
C ASN A 152 -8.56 24.68 14.41
N VAL A 153 -9.44 24.73 13.42
CA VAL A 153 -10.49 25.74 13.31
C VAL A 153 -11.82 25.07 13.62
N PRO A 154 -12.65 25.63 14.51
CA PRO A 154 -13.99 25.06 14.70
C PRO A 154 -14.65 24.77 13.36
N PHE A 155 -15.24 23.59 13.24
CA PHE A 155 -15.79 23.11 11.99
C PHE A 155 -17.31 23.21 12.03
N SER A 156 -17.89 23.75 10.97
CA SER A 156 -19.33 23.83 10.81
C SER A 156 -19.75 23.17 9.51
N PRO A 157 -20.85 22.40 9.51
CA PRO A 157 -21.36 21.89 8.23
C PRO A 157 -21.88 23.00 7.32
N ASP A 158 -22.26 24.17 7.84
CA ASP A 158 -22.56 25.31 6.99
C ASP A 158 -21.32 25.86 6.32
N GLY A 159 -20.13 25.42 6.72
CA GLY A 159 -18.93 26.11 6.32
C GLY A 159 -18.78 27.43 7.05
N LYS A 160 -19.90 27.99 7.52
CA LYS A 160 -19.83 29.28 8.21
C LYS A 160 -18.95 29.15 9.45
N PRO A 161 -18.18 30.20 9.77
CA PRO A 161 -17.38 30.17 11.01
C PRO A 161 -18.28 30.10 12.23
N CYS A 162 -17.79 29.40 13.25
CA CYS A 162 -18.57 29.18 14.46
C CYS A 162 -17.63 29.14 15.66
N THR A 163 -18.18 29.43 16.84
CA THR A 163 -17.41 29.50 18.08
C THR A 163 -18.10 28.58 19.09
N PRO A 164 -17.56 27.39 19.34
CA PRO A 164 -18.13 26.56 20.40
C PRO A 164 -18.09 27.31 21.71
N PRO A 165 -19.08 27.08 22.60
CA PRO A 165 -20.08 26.02 22.63
C PRO A 165 -21.27 26.17 21.70
N ALA A 166 -21.17 27.08 20.72
CA ALA A 166 -22.26 27.25 19.76
C ALA A 166 -22.67 25.90 19.20
N LEU A 167 -23.96 25.76 18.89
CA LEU A 167 -24.48 24.51 18.36
C LEU A 167 -24.02 24.30 16.93
N ASN A 168 -23.90 23.03 16.55
CA ASN A 168 -23.46 22.65 15.22
C ASN A 168 -22.04 23.11 14.95
N CYS A 169 -21.22 23.12 15.99
CA CYS A 169 -19.85 23.60 15.93
C CYS A 169 -18.97 22.51 16.55
N TYR A 170 -17.98 22.03 15.81
CA TYR A 170 -17.23 20.85 16.22
C TYR A 170 -15.73 21.07 16.09
N TRP A 171 -14.97 20.30 16.86
CA TRP A 171 -13.52 20.36 16.75
C TRP A 171 -13.02 19.33 15.75
N PRO A 172 -12.19 19.74 14.79
CA PRO A 172 -11.93 18.86 13.63
C PRO A 172 -10.94 17.72 13.89
N LEU A 173 -10.15 17.78 14.95
CA LEU A 173 -9.18 16.73 15.24
C LEU A 173 -9.76 15.75 16.25
N ASN A 174 -9.13 14.58 16.33
CA ASN A 174 -9.48 13.58 17.33
C ASN A 174 -8.21 12.80 17.65
N ASP A 175 -8.16 12.23 18.85
CA ASP A 175 -6.96 11.53 19.29
C ASP A 175 -7.00 10.07 18.91
N TYR A 176 -5.84 9.52 18.59
CA TYR A 176 -5.61 8.10 18.82
C TYR A 176 -5.40 7.87 20.30
N GLY A 177 -5.94 6.77 20.82
CA GLY A 177 -5.65 6.38 22.18
C GLY A 177 -4.84 5.10 22.16
N PHE A 178 -3.56 5.19 22.44
CA PHE A 178 -2.66 4.06 22.23
C PHE A 178 -2.36 3.41 23.58
N TYR A 179 -2.96 2.24 23.79
CA TYR A 179 -2.77 1.45 24.99
C TYR A 179 -1.93 0.22 24.67
N THR A 180 -1.00 -0.10 25.57
CA THR A 180 -0.16 -1.27 25.42
C THR A 180 -0.93 -2.58 25.52
N THR A 181 -2.23 -2.56 25.78
CA THR A 181 -2.99 -3.80 25.97
C THR A 181 -4.07 -4.04 24.91
N THR A 182 -4.14 -3.23 23.84
CA THR A 182 -5.16 -3.45 22.83
C THR A 182 -4.66 -4.39 21.72
N GLY A 183 -5.60 -4.83 20.88
CA GLY A 183 -5.23 -5.61 19.72
C GLY A 183 -4.34 -4.83 18.77
N ILE A 184 -3.69 -5.58 17.88
CA ILE A 184 -2.60 -5.03 17.07
C ILE A 184 -3.10 -3.94 16.12
N GLY A 185 -4.29 -4.12 15.55
CA GLY A 185 -4.91 -3.09 14.73
C GLY A 185 -5.08 -1.74 15.40
N TYR A 186 -5.07 -1.69 16.75
CA TYR A 186 -5.19 -0.44 17.49
C TYR A 186 -3.85 0.09 18.00
N GLN A 187 -2.80 -0.72 17.95
CA GLN A 187 -1.51 -0.28 18.41
C GLN A 187 -0.89 0.72 17.43
N PRO A 188 0.07 1.51 17.91
CA PRO A 188 0.67 2.57 17.07
C PRO A 188 1.72 2.03 16.12
N TYR A 189 1.72 2.57 14.89
CA TYR A 189 2.72 2.26 13.88
C TYR A 189 3.39 3.53 13.41
N ARG A 190 4.72 3.55 13.40
CA ARG A 190 5.43 4.62 12.73
C ARG A 190 5.52 4.33 11.23
N VAL A 191 5.23 5.33 10.43
CA VAL A 191 5.21 5.20 8.98
C VAL A 191 6.24 6.14 8.37
N VAL A 192 6.99 5.66 7.37
CA VAL A 192 7.83 6.52 6.53
C VAL A 192 7.45 6.24 5.09
N VAL A 193 7.06 7.29 4.37
CA VAL A 193 6.83 7.20 2.93
C VAL A 193 8.05 7.79 2.23
N LEU A 194 8.58 7.05 1.26
CA LEU A 194 9.68 7.49 0.41
C LEU A 194 9.10 7.77 -0.96
N SER A 195 9.13 9.05 -1.37
CA SER A 195 8.73 9.46 -2.71
C SER A 195 9.97 9.52 -3.62
N PHE A 196 9.86 8.92 -4.79
CA PHE A 196 10.91 8.92 -5.80
C PHE A 196 10.54 9.92 -6.90
N GLU A 197 11.29 11.02 -6.97
CA GLU A 197 11.07 12.04 -7.98
C GLU A 197 11.92 11.74 -9.23
N LEU A 198 11.30 11.81 -10.40
CA LEU A 198 11.97 11.55 -11.68
C LEU A 198 11.90 12.81 -12.54
N LEU A 199 13.07 13.39 -12.82
CA LEU A 199 13.23 14.60 -13.62
C LEU A 199 14.23 14.33 -14.73
N ASN A 200 14.19 15.16 -15.77
CA ASN A 200 15.08 15.02 -16.92
C ASN A 200 16.41 15.73 -16.64
N ALA A 201 17.17 15.13 -15.71
CA ALA A 201 18.49 15.63 -15.33
C ALA A 201 19.35 14.51 -14.74
N PRO A 202 20.60 14.79 -14.37
CA PRO A 202 21.36 13.81 -13.61
C PRO A 202 20.62 13.47 -12.32
N ALA A 203 20.82 12.27 -11.82
CA ALA A 203 20.19 11.87 -10.55
C ALA A 203 21.06 12.29 -9.36
N THR A 204 20.42 12.64 -8.26
CA THR A 204 21.16 13.11 -7.06
C THR A 204 21.21 12.00 -6.01
N VAL A 205 20.29 11.05 -6.06
CA VAL A 205 20.24 9.96 -5.03
C VAL A 205 20.42 8.62 -5.73
N CYS A 206 21.62 8.07 -5.65
CA CYS A 206 21.90 6.81 -6.33
C CYS A 206 22.34 5.79 -5.30
N GLY A 207 22.37 4.52 -5.68
CA GLY A 207 22.76 3.45 -4.76
C GLY A 207 24.24 3.34 -4.63
N PRO A 208 24.75 2.43 -3.78
CA PRO A 208 26.17 2.38 -3.50
C PRO A 208 27.20 2.25 -4.63
N LYS A 209 26.94 1.45 -5.66
CA LYS A 209 27.97 1.23 -6.70
C LYS A 209 27.45 1.66 -8.08
N LEU A 210 26.69 2.74 -8.15
CA LEU A 210 26.05 3.13 -9.43
C LEU A 210 26.65 4.38 -10.05
N SER A 211 27.35 5.23 -9.28
CA SER A 211 27.92 6.54 -9.74
C SER A 211 26.94 7.69 -9.52
N GLN B 1 -9.62 6.26 -7.61
CA GLN B 1 -9.64 4.84 -7.25
C GLN B 1 -9.55 3.92 -8.48
N VAL B 2 -8.65 2.94 -8.43
CA VAL B 2 -8.42 2.01 -9.53
C VAL B 2 -9.39 0.84 -9.42
N GLN B 3 -10.09 0.54 -10.50
CA GLN B 3 -11.08 -0.52 -10.54
C GLN B 3 -10.55 -1.71 -11.35
N LEU B 4 -10.92 -2.90 -10.89
CA LEU B 4 -10.44 -4.16 -11.45
C LEU B 4 -11.63 -5.01 -11.86
N VAL B 5 -11.66 -5.43 -13.12
CA VAL B 5 -12.77 -6.18 -13.68
C VAL B 5 -12.25 -7.48 -14.28
N GLU B 6 -12.62 -8.61 -13.69
CA GLU B 6 -12.21 -9.92 -14.15
C GLU B 6 -13.15 -10.40 -15.26
N SER B 7 -12.63 -11.29 -16.09
CA SER B 7 -13.42 -11.93 -17.13
C SER B 7 -12.66 -13.17 -17.57
N GLY B 8 -13.32 -13.99 -18.38
CA GLY B 8 -12.77 -15.26 -18.80
C GLY B 8 -13.23 -16.44 -17.99
N GLY B 9 -13.98 -16.22 -16.91
CA GLY B 9 -14.49 -17.32 -16.11
C GLY B 9 -15.58 -18.08 -16.83
N GLY B 10 -16.03 -19.14 -16.20
CA GLY B 10 -17.17 -19.84 -16.73
C GLY B 10 -17.10 -21.30 -16.33
N LEU B 11 -17.73 -22.11 -17.17
CA LEU B 11 -17.90 -23.53 -16.92
C LEU B 11 -16.94 -24.29 -17.82
N VAL B 12 -16.22 -25.26 -17.24
CA VAL B 12 -15.25 -26.00 -18.02
C VAL B 12 -15.18 -27.42 -17.47
N GLN B 13 -15.00 -28.38 -18.37
CA GLN B 13 -14.80 -29.76 -17.98
C GLN B 13 -13.43 -29.95 -17.33
N ALA B 14 -13.37 -30.87 -16.36
CA ALA B 14 -12.09 -31.25 -15.78
C ALA B 14 -11.12 -31.69 -16.89
N GLY B 15 -9.88 -31.21 -16.79
CA GLY B 15 -8.87 -31.48 -17.79
C GLY B 15 -8.68 -30.37 -18.79
N GLY B 16 -9.59 -29.39 -18.82
CA GLY B 16 -9.57 -28.35 -19.81
C GLY B 16 -8.93 -27.08 -19.30
N SER B 17 -9.17 -25.99 -20.02
CA SER B 17 -8.41 -24.78 -19.86
C SER B 17 -9.34 -23.59 -19.85
N LEU B 18 -8.91 -22.58 -19.14
CA LEU B 18 -9.52 -21.27 -19.11
C LEU B 18 -8.39 -20.26 -19.10
N ARG B 19 -8.70 -19.04 -19.54
CA ARG B 19 -7.77 -17.94 -19.41
C ARG B 19 -8.49 -16.74 -18.82
N LEU B 20 -8.16 -16.39 -17.57
CA LEU B 20 -8.80 -15.25 -16.93
C LEU B 20 -8.09 -13.96 -17.30
N SER B 21 -8.87 -12.88 -17.39
CA SER B 21 -8.34 -11.55 -17.60
C SER B 21 -8.83 -10.61 -16.52
N CYS B 22 -8.02 -9.59 -16.24
CA CYS B 22 -8.42 -8.54 -15.32
C CYS B 22 -7.90 -7.22 -15.90
N VAL B 23 -8.82 -6.30 -16.17
CA VAL B 23 -8.53 -4.98 -16.71
C VAL B 23 -8.66 -3.95 -15.60
N ALA B 24 -7.63 -3.13 -15.43
CA ALA B 24 -7.67 -1.99 -14.52
C ALA B 24 -7.98 -0.71 -15.28
N SER B 25 -8.72 0.18 -14.62
CA SER B 25 -8.99 1.51 -15.13
C SER B 25 -7.79 2.43 -14.87
N GLY B 26 -7.92 3.68 -15.28
CA GLY B 26 -6.83 4.62 -15.12
C GLY B 26 -5.60 4.25 -15.93
N ARG B 27 -4.51 4.94 -15.62
CA ARG B 27 -3.23 4.80 -16.31
C ARG B 27 -2.12 4.29 -15.40
N THR B 28 -2.44 3.95 -14.16
CA THR B 28 -1.41 3.64 -13.16
C THR B 28 -1.14 2.15 -13.02
N PHE B 29 -1.77 1.31 -13.85
CA PHE B 29 -1.63 -0.14 -13.74
C PHE B 29 -0.18 -0.59 -13.57
N SER B 30 0.73 -0.02 -14.35
CA SER B 30 2.11 -0.51 -14.34
C SER B 30 2.88 -0.18 -13.05
N ARG B 31 2.26 0.49 -12.07
CA ARG B 31 2.93 0.64 -10.79
C ARG B 31 2.81 -0.59 -9.90
N TYR B 32 1.86 -1.49 -10.18
CA TYR B 32 1.34 -2.44 -9.20
C TYR B 32 1.78 -3.87 -9.48
N ALA B 33 2.06 -4.60 -8.41
CA ALA B 33 2.04 -6.06 -8.48
C ALA B 33 0.59 -6.53 -8.52
N MET B 34 0.27 -7.41 -9.47
CA MET B 34 -1.09 -7.87 -9.74
C MET B 34 -1.20 -9.32 -9.30
N GLY B 35 -2.20 -9.61 -8.48
CA GLY B 35 -2.40 -10.94 -7.95
C GLY B 35 -3.73 -11.60 -8.28
N TRP B 36 -3.80 -12.91 -8.12
CA TRP B 36 -5.04 -13.67 -8.22
C TRP B 36 -5.24 -14.45 -6.94
N PHE B 37 -6.44 -14.35 -6.39
CA PHE B 37 -6.91 -15.15 -5.27
C PHE B 37 -8.12 -15.93 -5.72
N ARG B 38 -8.46 -16.98 -4.97
CA ARG B 38 -9.67 -17.72 -5.26
C ARG B 38 -10.37 -18.14 -3.98
N GLN B 39 -11.69 -18.30 -4.06
CA GLN B 39 -12.50 -18.71 -2.93
C GLN B 39 -13.41 -19.86 -3.34
N ALA B 40 -13.02 -21.06 -2.93
CA ALA B 40 -13.83 -22.26 -3.03
C ALA B 40 -14.88 -22.26 -1.92
N PRO B 41 -15.96 -23.04 -2.09
CA PRO B 41 -17.01 -23.07 -1.05
C PRO B 41 -16.41 -23.50 0.30
N GLY B 42 -16.77 -22.77 1.35
CA GLY B 42 -16.33 -23.09 2.68
C GLY B 42 -14.90 -22.73 3.02
N LYS B 43 -14.21 -21.93 2.19
CA LYS B 43 -12.79 -21.65 2.40
C LYS B 43 -12.55 -20.15 2.32
N GLU B 44 -11.50 -19.69 3.00
CA GLU B 44 -11.09 -18.30 2.88
C GLU B 44 -10.56 -18.03 1.48
N ARG B 45 -10.56 -16.76 1.08
CA ARG B 45 -9.79 -16.37 -0.10
C ARG B 45 -8.36 -16.88 0.03
N GLU B 46 -7.89 -17.59 -0.98
CA GLU B 46 -6.55 -18.15 -0.98
C GLU B 46 -5.72 -17.57 -2.12
N PHE B 47 -4.46 -17.28 -1.80
CA PHE B 47 -3.53 -16.82 -2.82
C PHE B 47 -3.40 -17.86 -3.93
N VAL B 48 -3.30 -17.36 -5.16
CA VAL B 48 -3.00 -18.20 -6.32
C VAL B 48 -1.68 -17.80 -6.99
N ALA B 49 -1.51 -16.50 -7.27
CA ALA B 49 -0.35 -16.08 -8.04
C ALA B 49 -0.20 -14.57 -7.97
N VAL B 50 1.03 -14.10 -8.23
CA VAL B 50 1.37 -12.67 -8.34
C VAL B 50 2.40 -12.47 -9.41
N ILE B 51 2.37 -11.30 -10.01
CA ILE B 51 3.43 -10.84 -10.89
C ILE B 51 3.73 -9.39 -10.55
N GLU B 52 5.02 -9.06 -10.48
CA GLU B 52 5.39 -7.71 -10.09
C GLU B 52 5.14 -6.71 -11.23
N TRP B 53 5.28 -5.42 -10.90
CA TRP B 53 4.90 -4.35 -11.82
C TRP B 53 5.51 -4.54 -13.22
N ASP B 54 6.73 -5.08 -13.30
CA ASP B 54 7.48 -5.12 -14.55
C ASP B 54 7.44 -6.47 -15.25
N GLY B 55 6.70 -7.43 -14.72
CA GLY B 55 6.60 -8.74 -15.35
C GLY B 55 7.74 -9.69 -15.06
N GLY B 56 8.78 -9.26 -14.33
CA GLY B 56 9.98 -10.06 -14.18
C GLY B 56 10.04 -11.04 -13.03
N THR B 57 9.22 -10.86 -12.02
CA THR B 57 9.22 -11.75 -10.88
C THR B 57 7.79 -12.20 -10.63
N SER B 58 7.62 -13.45 -10.22
CA SER B 58 6.28 -13.95 -10.02
C SER B 58 6.31 -15.17 -9.12
N TYR B 59 5.23 -15.38 -8.36
CA TYR B 59 5.11 -16.50 -7.42
C TYR B 59 3.76 -17.19 -7.60
N TYR B 60 3.72 -18.48 -7.25
CA TYR B 60 2.52 -19.30 -7.36
C TYR B 60 2.32 -20.13 -6.10
N VAL B 61 1.05 -20.39 -5.77
CA VAL B 61 0.76 -21.38 -4.74
C VAL B 61 1.10 -22.76 -5.29
N ASP B 62 1.53 -23.66 -4.39
CA ASP B 62 2.10 -24.93 -4.86
C ASP B 62 1.12 -25.70 -5.73
N SER B 63 -0.15 -25.74 -5.34
CA SER B 63 -1.15 -26.59 -5.98
C SER B 63 -1.43 -26.23 -7.44
N VAL B 64 -0.81 -25.18 -7.96
CA VAL B 64 -1.00 -24.79 -9.34
C VAL B 64 0.29 -24.71 -10.12
N LYS B 65 1.44 -25.00 -9.51
CA LYS B 65 2.70 -24.94 -10.25
C LYS B 65 2.64 -25.86 -11.47
N GLY B 66 3.04 -25.34 -12.62
CA GLY B 66 3.07 -26.13 -13.84
C GLY B 66 1.75 -26.22 -14.58
N ARG B 67 0.63 -25.97 -13.91
CA ARG B 67 -0.68 -25.88 -14.55
C ARG B 67 -1.07 -24.44 -14.87
N PHE B 68 -0.88 -23.53 -13.93
CA PHE B 68 -1.24 -22.13 -14.10
C PHE B 68 -0.01 -21.31 -14.43
N THR B 69 -0.20 -20.25 -15.20
CA THR B 69 0.89 -19.31 -15.45
C THR B 69 0.29 -17.92 -15.57
N ILE B 70 0.87 -16.95 -14.83
CA ILE B 70 0.38 -15.58 -14.75
C ILE B 70 1.25 -14.70 -15.64
N SER B 71 0.63 -13.70 -16.26
CA SER B 71 1.33 -12.79 -17.16
C SER B 71 0.55 -11.47 -17.17
N ARG B 72 1.15 -10.46 -17.81
CA ARG B 72 0.56 -9.12 -17.78
C ARG B 72 0.95 -8.35 -19.04
N ASP B 73 0.15 -7.33 -19.36
CA ASP B 73 0.39 -6.48 -20.52
C ASP B 73 0.20 -5.03 -20.12
N ASN B 74 1.28 -4.38 -19.67
CA ASN B 74 1.12 -3.03 -19.17
C ASN B 74 0.54 -2.10 -20.21
N ALA B 75 0.74 -2.40 -21.50
CA ALA B 75 0.15 -1.57 -22.55
C ALA B 75 -1.38 -1.65 -22.56
N LYS B 76 -1.97 -2.78 -22.13
CA LYS B 76 -3.42 -2.93 -22.13
C LYS B 76 -4.03 -2.86 -20.74
N ASN B 77 -3.25 -2.61 -19.69
CA ASN B 77 -3.77 -2.53 -18.34
C ASN B 77 -4.41 -3.84 -17.91
N THR B 78 -3.77 -4.96 -18.27
CA THR B 78 -4.44 -6.25 -18.16
C THR B 78 -3.49 -7.29 -17.58
N VAL B 79 -3.96 -8.01 -16.56
CA VAL B 79 -3.25 -9.17 -16.04
C VAL B 79 -4.03 -10.43 -16.43
N TYR B 80 -3.29 -11.51 -16.69
CA TYR B 80 -3.82 -12.75 -17.23
C TYR B 80 -3.46 -13.92 -16.33
N LEU B 81 -4.32 -14.93 -16.31
CA LEU B 81 -4.06 -16.18 -15.58
C LEU B 81 -4.45 -17.33 -16.51
N GLN B 82 -3.43 -17.96 -17.08
CA GLN B 82 -3.63 -19.12 -17.94
C GLN B 82 -3.76 -20.35 -17.06
N MET B 83 -4.87 -21.06 -17.20
CA MET B 83 -5.19 -22.17 -16.30
C MET B 83 -5.35 -23.44 -17.11
N ASN B 84 -4.42 -24.37 -16.96
CA ASN B 84 -4.45 -25.64 -17.66
C ASN B 84 -4.72 -26.78 -16.70
N SER B 85 -5.14 -27.91 -17.25
CA SER B 85 -5.31 -29.14 -16.49
C SER B 85 -6.24 -28.92 -15.29
N LEU B 86 -7.36 -28.25 -15.56
CA LEU B 86 -8.24 -27.86 -14.45
C LEU B 86 -8.79 -29.09 -13.76
N LYS B 87 -8.95 -28.99 -12.45
CA LYS B 87 -9.54 -30.01 -11.61
C LYS B 87 -10.66 -29.39 -10.80
N PRO B 88 -11.58 -30.22 -10.29
CA PRO B 88 -12.66 -29.69 -9.43
C PRO B 88 -12.16 -28.89 -8.25
N GLU B 89 -10.95 -29.18 -7.74
CA GLU B 89 -10.37 -28.37 -6.66
C GLU B 89 -10.21 -26.91 -7.05
N ASP B 90 -10.15 -26.63 -8.36
CA ASP B 90 -10.01 -25.27 -8.85
C ASP B 90 -11.32 -24.51 -8.88
N THR B 91 -12.47 -25.18 -8.73
CA THR B 91 -13.75 -24.48 -8.67
C THR B 91 -13.75 -23.41 -7.59
N ALA B 92 -14.00 -22.17 -7.98
CA ALA B 92 -13.96 -21.05 -7.04
C ALA B 92 -14.33 -19.78 -7.76
N VAL B 93 -14.50 -18.71 -6.98
CA VAL B 93 -14.51 -17.36 -7.50
C VAL B 93 -13.08 -16.86 -7.54
N TYR B 94 -12.62 -16.42 -8.69
CA TYR B 94 -11.28 -15.90 -8.87
C TYR B 94 -11.31 -14.38 -8.79
N TYR B 95 -10.45 -13.85 -7.93
CA TYR B 95 -10.36 -12.42 -7.65
C TYR B 95 -9.01 -11.90 -8.10
N CYS B 96 -9.04 -10.77 -8.77
CA CYS B 96 -7.89 -10.00 -9.12
C CYS B 96 -7.59 -9.02 -7.98
N ALA B 97 -6.31 -8.78 -7.70
CA ALA B 97 -5.95 -7.81 -6.66
C ALA B 97 -4.75 -6.99 -7.13
N ALA B 98 -4.71 -5.73 -6.74
CA ALA B 98 -3.60 -4.85 -7.08
C ALA B 98 -3.00 -4.28 -5.80
N GLY B 99 -1.69 -4.31 -5.71
CA GLY B 99 -1.01 -3.83 -4.53
C GLY B 99 0.44 -3.48 -4.82
N GLY B 100 1.18 -3.19 -3.76
CA GLY B 100 2.56 -2.82 -3.92
C GLY B 100 3.47 -4.02 -4.15
N ASN B 101 4.62 -3.74 -4.74
CA ASN B 101 5.64 -4.76 -4.90
C ASN B 101 6.33 -4.98 -3.55
N GLN B 102 6.18 -6.18 -3.02
CA GLN B 102 6.48 -6.50 -1.63
C GLN B 102 7.95 -6.82 -1.44
N TYR B 103 8.45 -6.50 -0.25
CA TYR B 103 9.82 -6.84 0.07
C TYR B 103 9.93 -8.31 0.50
N TYR B 104 8.94 -8.78 1.25
CA TYR B 104 8.84 -10.18 1.61
C TYR B 104 7.85 -10.85 0.66
N SER B 105 8.32 -11.83 -0.10
CA SER B 105 7.42 -12.52 -1.04
C SER B 105 6.21 -13.12 -0.32
N ALA B 106 6.37 -13.59 0.92
CA ALA B 106 5.24 -14.21 1.62
C ALA B 106 4.08 -13.23 1.78
N THR B 107 4.36 -11.93 1.91
CA THR B 107 3.27 -10.97 2.06
C THR B 107 2.32 -10.99 0.87
N TYR B 108 2.81 -11.39 -0.32
CA TYR B 108 1.95 -11.43 -1.51
C TYR B 108 0.73 -12.32 -1.31
N SER B 109 0.81 -13.29 -0.42
CA SER B 109 -0.27 -14.23 -0.32
C SER B 109 -1.32 -13.81 0.72
N ILE B 110 -1.23 -12.61 1.26
CA ILE B 110 -2.20 -12.10 2.22
C ILE B 110 -3.13 -11.12 1.51
N TRP B 111 -4.37 -11.54 1.34
CA TRP B 111 -5.37 -10.72 0.64
C TRP B 111 -5.38 -9.28 1.15
N ASN B 112 -5.42 -9.10 2.48
CA ASN B 112 -5.54 -7.76 3.06
C ASN B 112 -4.34 -6.87 2.76
N GLU B 113 -3.23 -7.43 2.30
CA GLU B 113 -2.03 -6.65 2.03
C GLU B 113 -2.06 -5.93 0.68
N TYR B 114 -3.12 -6.08 -0.11
CA TYR B 114 -3.20 -5.38 -1.37
C TYR B 114 -4.00 -4.09 -1.19
N ASP B 115 -4.06 -3.31 -2.26
CA ASP B 115 -4.71 -2.01 -2.22
C ASP B 115 -6.09 -1.99 -2.85
N PHE B 116 -6.32 -2.80 -3.88
CA PHE B 116 -7.57 -2.81 -4.62
C PHE B 116 -7.91 -4.25 -4.96
N TRP B 117 -9.20 -4.51 -5.12
CA TRP B 117 -9.67 -5.87 -5.30
C TRP B 117 -10.82 -5.86 -6.28
N GLY B 118 -10.84 -6.85 -7.19
CA GLY B 118 -11.97 -7.03 -8.08
C GLY B 118 -13.14 -7.70 -7.40
N GLN B 119 -14.26 -7.75 -8.12
CA GLN B 119 -15.45 -8.37 -7.54
C GLN B 119 -15.55 -9.85 -7.87
N GLY B 120 -14.67 -10.36 -8.74
CA GLY B 120 -14.46 -11.77 -8.92
C GLY B 120 -15.17 -12.29 -10.15
N THR B 121 -14.67 -13.41 -10.67
CA THR B 121 -15.38 -14.14 -11.69
C THR B 121 -15.42 -15.61 -11.30
N GLN B 122 -16.56 -16.24 -11.51
CA GLN B 122 -16.75 -17.61 -11.09
C GLN B 122 -16.12 -18.60 -12.08
N VAL B 123 -15.45 -19.60 -11.53
CA VAL B 123 -14.93 -20.71 -12.31
C VAL B 123 -15.44 -22.00 -11.70
N THR B 124 -16.12 -22.81 -12.51
CA THR B 124 -16.66 -24.10 -12.12
C THR B 124 -16.04 -25.17 -13.01
N VAL B 125 -15.40 -26.15 -12.40
CA VAL B 125 -14.80 -27.26 -13.13
C VAL B 125 -15.63 -28.48 -12.82
N SER B 126 -16.42 -28.93 -13.79
CA SER B 126 -17.27 -30.09 -13.56
C SER B 126 -16.44 -31.38 -13.67
N SER B 127 -16.72 -32.32 -12.78
CA SER B 127 -16.04 -33.63 -12.76
C SER B 127 -16.00 -34.30 -14.11
#